data_9MT5
#
_entry.id   9MT5
#
_cell.length_a   1.00
_cell.length_b   1.00
_cell.length_c   1.00
_cell.angle_alpha   90.00
_cell.angle_beta   90.00
_cell.angle_gamma   90.00
#
_symmetry.space_group_name_H-M   'P 1'
#
loop_
_entity.id
_entity.type
_entity.pdbx_description
1 polymer 'Tube protein'
2 polymer 'Structural protein'
#
loop_
_entity_poly.entity_id
_entity_poly.type
_entity_poly.pdbx_seq_one_letter_code
_entity_poly.pdbx_strand_id
1 'polypeptide(L)'
;MAMYQQYSPKDVVCSWNGIAIEGFAPDSFLRLQRTSPLVTPVVGAGGQVALTRNADKTGTIEIELMQTSLSNQMLSAIQA
KQDNMELEEDISSNFVIYDPSGSVLATGINAWLQELPQIELGRDQNSKTWIFGCEKLDYTSTIPASSV
;
A
2 'polypeptide(L)'
;MWNPIVNVDITLNTAGTTREGFGLPLFLASTDNFEERVRGYTSLTEVAEDFDENTAAYKAAKQLWSQTPKVTQLYIGRRA
MQYTVSIPNAVTESTDYSITVAAGGGISQPYQYTAQAEDTAENVLQQFKTQIEADPTIKDKVSVNVTGSNGSATMIITKA
GDNDFVKVTTTAQTVYIASTTADTASTALAAIEAYSTDWYFIAAEDRTQQFVLAMASEIQARKKIFFTANSDVTALQGTE
LASANDVPAQLAKNMYTRTVCLWHHAAAEDYPEMAYIAYGAPYDAGSIAWGNAQLTGVAASLQPSNQRPLTSIQKSALDV
RHCNFIDLDGGVPVVRRGITSGGEWIDIVRGVDWLESDLKTSLRDLLINQKGGKITYDDTGITRIRQVIETSLQRAVNRN
FLSSYTVNVPKASQVALADKKARILKDVTFAGILAGAILDVDLKGTVAYE
;
B
#
# COMPACT_ATOMS: atom_id res chain seq x y z
N ALA A 2 5.19 7.30 22.26
CA ALA A 2 3.85 7.50 21.72
C ALA A 2 2.82 7.57 22.84
N MET A 3 1.65 8.15 22.55
CA MET A 3 0.57 8.25 23.50
C MET A 3 -0.74 7.86 22.83
N TYR A 4 -1.67 7.37 23.63
CA TYR A 4 -2.92 6.87 23.12
C TYR A 4 -3.82 8.01 22.64
N GLN A 5 -4.97 7.63 22.09
CA GLN A 5 -5.91 8.63 21.59
C GLN A 5 -6.54 9.39 22.75
N GLN A 6 -6.94 10.63 22.46
CA GLN A 6 -7.47 11.55 23.46
C GLN A 6 -8.98 11.41 23.56
N TYR A 7 -9.49 11.40 24.80
CA TYR A 7 -10.92 11.30 25.03
C TYR A 7 -11.55 12.68 25.05
N SER A 8 -12.77 12.77 24.52
CA SER A 8 -13.48 14.04 24.42
C SER A 8 -14.98 13.83 24.65
N PRO A 9 -15.53 14.23 25.81
CA PRO A 9 -16.97 14.05 26.03
C PRO A 9 -17.83 14.80 25.03
N LYS A 10 -17.31 15.88 24.45
CA LYS A 10 -18.13 16.70 23.55
C LYS A 10 -18.55 15.93 22.32
N ASP A 11 -17.68 15.04 21.82
CA ASP A 11 -17.93 14.33 20.57
C ASP A 11 -18.54 12.96 20.79
N VAL A 12 -19.36 12.78 21.83
CA VAL A 12 -20.07 11.53 22.08
C VAL A 12 -21.55 11.78 21.82
N VAL A 13 -22.14 10.93 20.99
CA VAL A 13 -23.55 11.07 20.58
C VAL A 13 -24.24 9.74 20.82
N CYS A 14 -25.42 9.79 21.44
CA CYS A 14 -26.25 8.62 21.67
C CYS A 14 -27.56 8.77 20.90
N SER A 15 -28.10 7.65 20.42
CA SER A 15 -29.32 7.66 19.62
C SER A 15 -30.12 6.40 19.90
N TRP A 16 -31.44 6.53 19.86
CA TRP A 16 -32.33 5.40 20.06
C TRP A 16 -33.74 5.81 19.65
N ASN A 17 -34.41 4.94 18.90
CA ASN A 17 -35.77 5.17 18.46
C ASN A 17 -35.86 6.34 17.48
N GLY A 18 -34.75 6.69 16.84
CA GLY A 18 -34.72 7.76 15.86
C GLY A 18 -34.43 9.13 16.42
N ILE A 19 -34.36 9.28 17.74
CA ILE A 19 -34.09 10.56 18.37
C ILE A 19 -32.68 10.58 18.90
N ALA A 20 -32.12 11.78 19.04
CA ALA A 20 -30.80 11.95 19.64
C ALA A 20 -30.94 12.39 21.09
N ILE A 21 -30.19 11.72 21.97
CA ILE A 21 -30.22 11.97 23.40
C ILE A 21 -29.05 12.87 23.74
N GLU A 22 -29.35 14.02 24.34
CA GLU A 22 -28.35 15.05 24.60
C GLU A 22 -28.54 15.58 26.02
N GLY A 23 -27.58 16.40 26.45
CA GLY A 23 -27.64 17.01 27.77
C GLY A 23 -27.07 16.12 28.84
N PHE A 24 -25.85 15.64 28.64
CA PHE A 24 -25.22 14.73 29.59
C PHE A 24 -24.97 15.43 30.93
N ALA A 25 -25.01 14.65 32.00
CA ALA A 25 -24.82 15.18 33.34
C ALA A 25 -23.34 15.49 33.58
N PRO A 26 -23.04 16.25 34.63
CA PRO A 26 -21.63 16.61 34.88
C PRO A 26 -20.70 15.40 35.01
N ASP A 27 -21.16 14.31 35.61
CA ASP A 27 -20.29 13.16 35.86
C ASP A 27 -21.04 11.87 35.53
N SER A 28 -20.28 10.89 35.02
CA SER A 28 -20.78 9.53 34.82
C SER A 28 -22.12 9.52 34.10
N PHE A 29 -22.12 9.99 32.85
CA PHE A 29 -23.36 10.10 32.09
C PHE A 29 -23.69 8.86 31.29
N LEU A 30 -22.89 7.80 31.34
CA LEU A 30 -23.15 6.59 30.59
C LEU A 30 -22.49 5.39 31.26
N ARG A 31 -23.19 4.26 31.26
CA ARG A 31 -22.69 3.01 31.82
C ARG A 31 -23.20 1.84 31.00
N LEU A 32 -22.32 0.86 30.80
CA LEU A 32 -22.65 -0.35 30.05
C LEU A 32 -22.13 -1.55 30.82
N GLN A 33 -22.90 -2.64 30.83
CA GLN A 33 -22.53 -3.79 31.64
C GLN A 33 -23.26 -5.03 31.16
N ARG A 34 -22.60 -6.18 31.25
CA ARG A 34 -23.21 -7.46 30.94
C ARG A 34 -23.89 -8.05 32.16
N THR A 35 -24.93 -8.85 31.92
CA THR A 35 -25.69 -9.42 33.02
C THR A 35 -24.98 -10.59 33.69
N SER A 36 -24.29 -11.43 32.93
CA SER A 36 -23.67 -12.63 33.44
C SER A 36 -22.26 -12.76 32.91
N PRO A 37 -21.39 -13.50 33.60
CA PRO A 37 -20.02 -13.70 33.10
C PRO A 37 -19.99 -14.68 31.94
N LEU A 38 -18.82 -14.75 31.30
CA LEU A 38 -18.66 -15.62 30.14
C LEU A 38 -18.51 -17.08 30.55
N VAL A 39 -17.82 -17.35 31.65
CA VAL A 39 -17.49 -18.72 32.03
C VAL A 39 -17.79 -18.89 33.52
N THR A 40 -18.03 -20.14 33.92
CA THR A 40 -18.32 -20.48 35.31
C THR A 40 -17.62 -21.80 35.65
N PRO A 41 -16.46 -21.77 36.29
CA PRO A 41 -15.74 -23.01 36.58
C PRO A 41 -16.41 -23.84 37.67
N VAL A 42 -16.19 -25.15 37.60
CA VAL A 42 -16.66 -26.10 38.60
C VAL A 42 -15.48 -26.97 38.99
N VAL A 43 -15.24 -27.09 40.29
CA VAL A 43 -14.10 -27.82 40.83
C VAL A 43 -14.60 -28.98 41.66
N GLY A 44 -14.13 -30.18 41.36
CA GLY A 44 -14.50 -31.34 42.14
C GLY A 44 -13.71 -31.45 43.41
N ALA A 45 -14.07 -32.44 44.23
CA ALA A 45 -13.37 -32.66 45.48
C ALA A 45 -11.91 -33.04 45.27
N GLY A 46 -11.59 -33.63 44.12
CA GLY A 46 -10.23 -34.03 43.80
C GLY A 46 -9.40 -32.99 43.08
N GLY A 47 -9.98 -31.83 42.76
CA GLY A 47 -9.25 -30.77 42.10
C GLY A 47 -9.49 -30.63 40.62
N GLN A 48 -10.20 -31.57 39.98
CA GLN A 48 -10.46 -31.45 38.55
C GLN A 48 -11.34 -30.25 38.27
N VAL A 49 -11.21 -29.72 37.05
CA VAL A 49 -11.91 -28.51 36.64
C VAL A 49 -12.64 -28.76 35.34
N ALA A 50 -13.90 -28.32 35.28
CA ALA A 50 -14.68 -28.31 34.06
C ALA A 50 -15.40 -26.97 33.94
N LEU A 51 -15.47 -26.45 32.72
CA LEU A 51 -15.91 -25.09 32.48
C LEU A 51 -17.31 -25.08 31.86
N THR A 52 -18.16 -24.19 32.37
CA THR A 52 -19.48 -23.96 31.80
C THR A 52 -19.51 -22.63 31.08
N ARG A 53 -19.97 -22.64 29.84
CA ARG A 53 -20.00 -21.44 28.99
C ARG A 53 -21.43 -20.92 28.95
N ASN A 54 -21.70 -19.84 29.66
CA ASN A 54 -23.04 -19.29 29.77
C ASN A 54 -23.51 -18.74 28.43
N ALA A 55 -24.78 -18.95 28.11
CA ALA A 55 -25.34 -18.50 26.84
C ALA A 55 -25.95 -17.11 26.95
N ASP A 56 -26.20 -16.63 28.17
CA ASP A 56 -26.82 -15.33 28.35
C ASP A 56 -25.87 -14.22 27.89
N LYS A 57 -26.42 -13.26 27.14
CA LYS A 57 -25.63 -12.13 26.65
C LYS A 57 -26.36 -10.79 26.76
N THR A 58 -27.45 -10.72 27.52
CA THR A 58 -28.16 -9.46 27.68
C THR A 58 -27.33 -8.49 28.50
N GLY A 59 -27.83 -7.27 28.61
CA GLY A 59 -27.11 -6.25 29.35
C GLY A 59 -28.02 -5.09 29.70
N THR A 60 -27.40 -4.02 30.20
CA THR A 60 -28.11 -2.82 30.61
C THR A 60 -27.32 -1.59 30.18
N ILE A 61 -28.03 -0.54 29.77
CA ILE A 61 -27.44 0.73 29.38
C ILE A 61 -28.09 1.83 30.22
N GLU A 62 -27.31 2.45 31.09
CA GLU A 62 -27.79 3.52 31.95
C GLU A 62 -27.23 4.85 31.45
N ILE A 63 -28.11 5.74 31.02
CA ILE A 63 -27.73 7.07 30.54
C ILE A 63 -28.35 8.11 31.45
N GLU A 64 -27.54 9.06 31.89
CA GLU A 64 -27.95 10.03 32.91
C GLU A 64 -27.84 11.43 32.33
N LEU A 65 -28.89 12.23 32.53
CA LEU A 65 -29.03 13.53 31.88
C LEU A 65 -29.24 14.62 32.92
N MET A 66 -29.16 15.87 32.46
CA MET A 66 -29.34 17.01 33.35
C MET A 66 -30.81 17.16 33.75
N GLN A 67 -31.04 17.95 34.80
CA GLN A 67 -32.38 18.09 35.35
C GLN A 67 -33.35 18.72 34.35
N THR A 68 -32.92 19.77 33.66
CA THR A 68 -33.79 20.52 32.75
C THR A 68 -33.50 20.23 31.28
N SER A 69 -32.80 19.13 30.99
CA SER A 69 -32.52 18.79 29.60
C SER A 69 -33.83 18.55 28.84
N LEU A 70 -33.83 18.95 27.56
CA LEU A 70 -35.03 18.78 26.74
C LEU A 70 -35.22 17.34 26.30
N SER A 71 -34.18 16.51 26.37
CA SER A 71 -34.31 15.10 26.01
C SER A 71 -35.18 14.33 26.99
N ASN A 72 -35.41 14.89 28.19
CA ASN A 72 -36.30 14.23 29.14
C ASN A 72 -37.74 14.22 28.64
N GLN A 73 -38.16 15.31 28.01
CA GLN A 73 -39.53 15.38 27.49
C GLN A 73 -39.74 14.36 26.37
N MET A 74 -38.76 14.21 25.48
CA MET A 74 -38.91 13.29 24.35
C MET A 74 -39.08 11.85 24.84
N LEU A 75 -38.28 11.44 25.82
CA LEU A 75 -38.39 10.07 26.32
C LEU A 75 -39.71 9.83 27.03
N SER A 76 -40.20 10.81 27.79
CA SER A 76 -41.51 10.67 28.42
C SER A 76 -42.61 10.56 27.37
N ALA A 77 -42.54 11.36 26.31
CA ALA A 77 -43.51 11.31 25.23
C ALA A 77 -43.47 10.00 24.47
N ILE A 78 -42.29 9.43 24.28
CA ILE A 78 -42.13 8.12 23.65
C ILE A 78 -42.68 7.01 24.54
N GLN A 79 -42.41 7.09 25.84
CA GLN A 79 -42.93 6.08 26.77
C GLN A 79 -44.44 6.11 26.81
N ALA A 80 -45.04 7.31 26.80
CA ALA A 80 -46.48 7.41 26.84
C ALA A 80 -47.13 6.74 25.63
N LYS A 81 -46.52 6.83 24.45
CA LYS A 81 -47.07 6.18 23.28
C LYS A 81 -47.04 4.66 23.40
N GLN A 82 -45.94 4.11 23.90
CA GLN A 82 -45.77 2.66 23.94
C GLN A 82 -46.72 1.99 24.93
N ASP A 83 -47.29 2.73 25.87
CA ASP A 83 -48.25 2.15 26.79
C ASP A 83 -49.59 1.87 26.13
N ASN A 84 -49.89 2.54 25.02
CA ASN A 84 -51.16 2.39 24.33
C ASN A 84 -51.00 1.65 23.00
N MET A 85 -50.13 0.64 22.98
CA MET A 85 -49.88 -0.15 21.78
C MET A 85 -50.11 -1.62 22.08
N GLU A 86 -50.63 -2.33 21.09
CA GLU A 86 -50.89 -3.76 21.26
C GLU A 86 -49.58 -4.52 21.45
N LEU A 87 -49.68 -5.67 22.11
CA LEU A 87 -48.48 -6.48 22.36
C LEU A 87 -47.80 -6.91 21.07
N GLU A 88 -48.54 -7.04 19.97
CA GLU A 88 -47.95 -7.47 18.72
C GLU A 88 -47.03 -6.42 18.11
N GLU A 89 -47.26 -5.15 18.40
CA GLU A 89 -46.41 -4.08 17.89
C GLU A 89 -45.04 -4.14 18.56
N ASP A 90 -44.00 -3.80 17.80
CA ASP A 90 -42.64 -3.87 18.30
C ASP A 90 -42.27 -2.57 19.03
N ILE A 91 -41.50 -2.72 20.11
CA ILE A 91 -41.06 -1.58 20.91
C ILE A 91 -39.56 -1.49 21.05
N SER A 92 -38.81 -2.40 20.42
CA SER A 92 -37.36 -2.43 20.58
C SER A 92 -36.67 -1.77 19.39
N SER A 93 -35.49 -1.22 19.64
CA SER A 93 -34.70 -0.55 18.62
C SER A 93 -33.24 -0.57 19.05
N ASN A 94 -32.35 -0.53 18.06
CA ASN A 94 -30.92 -0.55 18.36
C ASN A 94 -30.49 0.75 19.04
N PHE A 95 -29.67 0.61 20.08
CA PHE A 95 -29.09 1.73 20.80
C PHE A 95 -27.67 1.93 20.28
N VAL A 96 -27.47 3.00 19.51
CA VAL A 96 -26.21 3.24 18.82
C VAL A 96 -25.47 4.37 19.53
N ILE A 97 -24.20 4.13 19.85
CA ILE A 97 -23.34 5.12 20.48
C ILE A 97 -22.18 5.39 19.53
N TYR A 98 -21.99 6.66 19.18
CA TYR A 98 -20.91 7.09 18.30
C TYR A 98 -19.84 7.78 19.12
N ASP A 99 -18.62 7.26 19.06
CA ASP A 99 -17.51 7.79 19.83
C ASP A 99 -16.23 7.74 19.00
N PRO A 100 -15.74 8.88 18.50
CA PRO A 100 -14.56 8.84 17.63
C PRO A 100 -13.30 8.35 18.32
N SER A 101 -13.22 8.40 19.64
CA SER A 101 -12.03 7.97 20.37
C SER A 101 -11.98 6.46 20.59
N GLY A 102 -13.10 5.75 20.40
CA GLY A 102 -13.10 4.32 20.56
C GLY A 102 -13.01 3.84 21.99
N SER A 103 -13.36 4.68 22.96
CA SER A 103 -13.33 4.27 24.36
C SER A 103 -14.54 3.45 24.75
N VAL A 104 -15.58 3.43 23.92
CA VAL A 104 -16.76 2.60 24.16
C VAL A 104 -16.76 1.49 23.11
N LEU A 105 -16.83 0.25 23.58
CA LEU A 105 -16.66 -0.92 22.73
C LEU A 105 -17.96 -1.69 22.49
N ALA A 106 -19.09 -1.19 22.95
CA ALA A 106 -20.32 -1.97 22.93
C ALA A 106 -21.45 -1.21 22.25
N THR A 107 -22.40 -1.97 21.72
CA THR A 107 -23.63 -1.44 21.15
C THR A 107 -24.80 -2.33 21.59
N GLY A 108 -25.97 -1.72 21.72
CA GLY A 108 -27.14 -2.43 22.20
C GLY A 108 -28.04 -2.93 21.08
N ILE A 109 -28.19 -4.26 20.98
CA ILE A 109 -29.03 -4.85 19.96
C ILE A 109 -30.42 -5.09 20.55
N ASN A 110 -31.44 -4.54 19.90
CA ASN A 110 -32.83 -4.69 20.33
C ASN A 110 -33.01 -4.24 21.78
N ALA A 111 -32.73 -2.96 21.99
CA ALA A 111 -32.84 -2.36 23.31
C ALA A 111 -34.27 -1.87 23.56
N TRP A 112 -34.65 -1.86 24.83
CA TRP A 112 -35.97 -1.40 25.26
C TRP A 112 -35.84 -0.51 26.49
N LEU A 113 -36.86 0.29 26.72
CA LEU A 113 -36.89 1.14 27.91
C LEU A 113 -37.38 0.34 29.10
N GLN A 114 -36.60 0.33 30.18
CA GLN A 114 -36.85 -0.56 31.31
C GLN A 114 -37.29 0.16 32.58
N GLU A 115 -36.79 1.37 32.83
CA GLU A 115 -37.13 2.10 34.04
C GLU A 115 -37.19 3.58 33.76
N LEU A 116 -37.93 4.30 34.62
CA LEU A 116 -38.11 5.74 34.56
C LEU A 116 -37.27 6.42 35.64
N PRO A 117 -36.87 7.67 35.43
CA PRO A 117 -35.98 8.33 36.40
C PRO A 117 -36.70 8.65 37.70
N GLN A 118 -35.91 8.67 38.78
CA GLN A 118 -36.39 9.24 40.03
C GLN A 118 -36.25 10.75 40.00
N ILE A 119 -37.23 11.45 40.57
CA ILE A 119 -37.27 12.90 40.55
C ILE A 119 -37.04 13.42 41.96
N GLU A 120 -36.04 14.29 42.11
CA GLU A 120 -35.74 14.92 43.39
C GLU A 120 -35.45 16.40 43.15
N LEU A 121 -35.79 17.23 44.12
CA LEU A 121 -35.61 18.67 44.01
C LEU A 121 -35.00 19.21 45.30
N GLY A 122 -34.14 20.21 45.15
CA GLY A 122 -33.50 20.84 46.29
C GLY A 122 -33.08 22.28 45.99
N ARG A 123 -32.00 22.75 46.61
CA ARG A 123 -31.49 24.07 46.28
C ARG A 123 -30.77 24.06 44.93
N ASP A 124 -30.27 22.90 44.50
CA ASP A 124 -29.49 22.78 43.28
C ASP A 124 -30.15 21.76 42.37
N GLN A 125 -29.47 21.47 41.25
CA GLN A 125 -30.02 20.63 40.21
C GLN A 125 -29.53 19.19 40.37
N ASN A 126 -30.46 18.24 40.30
CA ASN A 126 -30.16 16.83 40.38
C ASN A 126 -30.43 16.17 39.04
N SER A 127 -29.60 15.17 38.72
CA SER A 127 -29.69 14.49 37.44
C SER A 127 -30.83 13.47 37.43
N LYS A 128 -31.14 12.98 36.23
CA LYS A 128 -32.22 12.02 36.02
C LYS A 128 -31.65 10.83 35.25
N THR A 129 -31.87 9.63 35.77
CA THR A 129 -31.29 8.41 35.20
C THR A 129 -32.36 7.62 34.47
N TRP A 130 -32.08 7.29 33.20
CA TRP A 130 -32.91 6.40 32.40
C TRP A 130 -32.15 5.11 32.17
N ILE A 131 -32.87 3.98 32.26
CA ILE A 131 -32.26 2.66 32.18
C ILE A 131 -32.88 1.92 31.01
N PHE A 132 -32.04 1.23 30.24
CA PHE A 132 -32.46 0.45 29.08
C PHE A 132 -31.93 -0.97 29.20
N GLY A 133 -32.56 -1.88 28.48
CA GLY A 133 -32.07 -3.24 28.34
C GLY A 133 -31.60 -3.47 26.92
N CYS A 134 -31.15 -4.70 26.66
CA CYS A 134 -30.75 -5.08 25.32
C CYS A 134 -30.68 -6.60 25.23
N GLU A 135 -31.11 -7.12 24.07
CA GLU A 135 -31.08 -8.55 23.86
C GLU A 135 -29.66 -9.08 23.86
N LYS A 136 -28.73 -8.33 23.27
CA LYS A 136 -27.34 -8.76 23.14
C LYS A 136 -26.46 -7.52 23.15
N LEU A 137 -25.71 -7.33 24.23
CA LEU A 137 -24.74 -6.24 24.32
C LEU A 137 -23.44 -6.67 23.63
N ASP A 138 -23.29 -6.28 22.36
CA ASP A 138 -22.22 -6.77 21.52
C ASP A 138 -20.97 -5.93 21.71
N TYR A 139 -19.85 -6.58 22.04
CA TYR A 139 -18.55 -5.94 22.11
C TYR A 139 -17.80 -6.15 20.82
N THR A 140 -17.43 -5.05 20.15
CA THR A 140 -16.70 -5.10 18.90
C THR A 140 -15.46 -4.23 19.02
N SER A 141 -14.60 -4.32 18.01
CA SER A 141 -13.36 -3.56 18.00
C SER A 141 -12.92 -3.35 16.56
N THR A 142 -12.07 -2.34 16.37
CA THR A 142 -11.42 -2.14 15.09
C THR A 142 -10.30 -3.16 14.95
N ILE A 143 -10.43 -4.08 14.00
CA ILE A 143 -9.51 -5.21 13.89
C ILE A 143 -8.09 -4.68 13.71
N PRO A 144 -7.14 -5.04 14.57
CA PRO A 144 -5.76 -4.58 14.40
C PRO A 144 -5.16 -5.00 13.05
N MET B 1 -32.75 17.09 -12.56
CA MET B 1 -33.34 15.73 -12.57
C MET B 1 -34.10 15.47 -11.27
N TRP B 2 -34.97 14.47 -11.30
CA TRP B 2 -35.73 14.08 -10.13
C TRP B 2 -35.05 12.91 -9.45
N ASN B 3 -34.76 13.06 -8.16
CA ASN B 3 -34.12 12.01 -7.39
C ASN B 3 -35.06 11.50 -6.30
N PRO B 4 -35.13 10.20 -6.08
CA PRO B 4 -36.00 9.69 -5.01
C PRO B 4 -35.57 10.22 -3.65
N ILE B 5 -36.54 10.36 -2.76
CA ILE B 5 -36.23 10.82 -1.40
C ILE B 5 -35.22 9.90 -0.72
N VAL B 6 -35.27 8.60 -1.04
CA VAL B 6 -34.28 7.64 -0.56
C VAL B 6 -33.88 6.75 -1.73
N ASN B 7 -32.59 6.67 -2.01
CA ASN B 7 -32.07 5.86 -3.09
C ASN B 7 -31.24 4.71 -2.54
N VAL B 8 -31.58 3.48 -2.95
CA VAL B 8 -30.89 2.29 -2.46
C VAL B 8 -30.50 1.39 -3.62
N ASP B 9 -29.19 1.28 -3.87
CA ASP B 9 -28.68 0.38 -4.90
C ASP B 9 -28.02 -0.85 -4.30
N ILE B 10 -28.79 -1.90 -4.03
CA ILE B 10 -28.25 -3.11 -3.45
C ILE B 10 -27.73 -4.02 -4.55
N THR B 11 -26.61 -4.69 -4.29
CA THR B 11 -26.00 -5.60 -5.25
C THR B 11 -25.50 -6.83 -4.50
N LEU B 12 -25.09 -7.84 -5.27
CA LEU B 12 -24.70 -9.13 -4.70
C LEU B 12 -23.21 -9.39 -4.77
N ASN B 13 -22.41 -8.47 -5.31
CA ASN B 13 -20.98 -8.68 -5.42
C ASN B 13 -20.31 -8.30 -4.10
N THR B 14 -19.64 -9.26 -3.48
CA THR B 14 -18.86 -8.96 -2.29
C THR B 14 -17.67 -8.08 -2.66
N ALA B 15 -17.27 -7.21 -1.73
CA ALA B 15 -16.19 -6.28 -1.98
C ALA B 15 -15.29 -6.22 -0.76
N GLY B 16 -14.05 -5.79 -1.00
CA GLY B 16 -13.05 -5.68 0.06
C GLY B 16 -12.58 -4.25 0.18
N THR B 17 -11.79 -4.01 1.23
CA THR B 17 -11.33 -2.66 1.53
C THR B 17 -9.90 -2.46 1.05
N THR B 18 -9.58 -1.22 0.70
CA THR B 18 -8.22 -0.85 0.33
C THR B 18 -7.52 -0.19 1.51
N ARG B 19 -6.29 0.25 1.26
CA ARG B 19 -5.51 0.95 2.28
C ARG B 19 -4.47 1.82 1.59
N GLU B 20 -3.98 2.82 2.32
CA GLU B 20 -3.01 3.77 1.80
C GLU B 20 -1.75 3.72 2.63
N GLY B 21 -0.61 3.71 1.95
CA GLY B 21 0.68 3.65 2.60
C GLY B 21 1.70 4.45 1.81
N PHE B 22 2.97 4.18 2.10
CA PHE B 22 4.05 4.88 1.44
C PHE B 22 4.44 4.17 0.15
N GLY B 23 4.41 4.89 -0.96
CA GLY B 23 4.87 4.34 -2.22
C GLY B 23 3.78 3.71 -3.05
N LEU B 24 3.91 3.81 -4.38
CA LEU B 24 2.98 3.19 -5.31
C LEU B 24 3.75 2.40 -6.36
N PRO B 25 3.17 1.32 -6.88
CA PRO B 25 3.91 0.49 -7.84
C PRO B 25 3.80 1.01 -9.26
N LEU B 26 4.84 0.70 -10.05
CA LEU B 26 4.86 0.99 -11.48
C LEU B 26 5.38 -0.23 -12.21
N PHE B 27 4.72 -0.60 -13.31
CA PHE B 27 5.09 -1.76 -14.11
C PHE B 27 5.47 -1.29 -15.50
N LEU B 28 6.72 -1.48 -15.87
CA LEU B 28 7.26 -1.07 -17.15
C LEU B 28 7.15 -2.24 -18.12
N ALA B 29 6.32 -2.08 -19.15
CA ALA B 29 6.01 -3.16 -20.06
C ALA B 29 6.12 -2.67 -21.49
N SER B 30 6.32 -3.62 -22.41
CA SER B 30 6.36 -3.34 -23.84
C SER B 30 4.93 -3.36 -24.36
N THR B 31 4.42 -2.19 -24.75
CA THR B 31 3.03 -2.07 -25.14
C THR B 31 2.88 -0.98 -26.19
N ASP B 32 1.76 -1.02 -26.90
CA ASP B 32 1.41 0.00 -27.88
C ASP B 32 -0.08 0.33 -27.82
N ASN B 33 -0.75 -0.03 -26.73
CA ASN B 33 -2.20 0.11 -26.64
C ASN B 33 -2.64 1.51 -26.28
N PHE B 34 -1.72 2.41 -25.95
CA PHE B 34 -2.06 3.79 -25.68
C PHE B 34 -0.87 4.68 -26.04
N GLU B 35 -1.14 5.97 -26.23
CA GLU B 35 -0.13 6.91 -26.68
C GLU B 35 0.68 7.49 -25.53
N GLU B 36 0.04 7.74 -24.38
CA GLU B 36 0.74 8.31 -23.25
C GLU B 36 1.81 7.34 -22.74
N ARG B 37 2.91 7.91 -22.23
CA ARG B 37 4.00 7.08 -21.75
C ARG B 37 3.75 6.51 -20.36
N VAL B 38 2.74 7.00 -19.64
CA VAL B 38 2.35 6.48 -18.35
C VAL B 38 0.84 6.65 -18.19
N ARG B 39 0.16 5.60 -17.73
CA ARG B 39 -1.27 5.62 -17.53
C ARG B 39 -1.60 4.84 -16.27
N GLY B 40 -2.53 5.38 -15.49
CA GLY B 40 -2.87 4.80 -14.20
C GLY B 40 -4.22 4.12 -14.23
N TYR B 41 -4.37 3.13 -13.34
CA TYR B 41 -5.61 2.40 -13.18
C TYR B 41 -5.85 2.17 -11.69
N THR B 42 -7.12 1.96 -11.33
CA THR B 42 -7.51 1.80 -9.94
C THR B 42 -8.07 0.43 -9.61
N SER B 43 -8.34 -0.41 -10.61
CA SER B 43 -8.84 -1.76 -10.36
C SER B 43 -8.51 -2.63 -11.56
N LEU B 44 -8.60 -3.94 -11.35
CA LEU B 44 -8.28 -4.88 -12.42
C LEU B 44 -9.26 -4.77 -13.57
N THR B 45 -10.49 -4.32 -13.31
CA THR B 45 -11.47 -4.18 -14.38
C THR B 45 -11.00 -3.18 -15.43
N GLU B 46 -10.44 -2.05 -14.97
CA GLU B 46 -9.94 -1.05 -15.90
C GLU B 46 -8.77 -1.60 -16.71
N VAL B 47 -7.90 -2.37 -16.07
CA VAL B 47 -6.75 -2.94 -16.78
C VAL B 47 -7.21 -3.90 -17.86
N ALA B 48 -8.29 -4.65 -17.61
CA ALA B 48 -8.77 -5.60 -18.60
C ALA B 48 -9.27 -4.94 -19.86
N GLU B 49 -9.75 -3.69 -19.78
CA GLU B 49 -10.23 -3.00 -20.97
C GLU B 49 -9.10 -2.73 -21.96
N ASP B 50 -7.98 -2.19 -21.48
CA ASP B 50 -6.88 -1.85 -22.36
C ASP B 50 -6.07 -3.06 -22.79
N PHE B 51 -5.95 -4.07 -21.92
CA PHE B 51 -5.07 -5.21 -22.15
C PHE B 51 -5.88 -6.50 -22.13
N ASP B 52 -5.37 -7.50 -22.85
CA ASP B 52 -5.98 -8.82 -22.89
C ASP B 52 -5.39 -9.71 -21.81
N GLU B 53 -6.06 -10.84 -21.56
CA GLU B 53 -5.71 -11.68 -20.43
C GLU B 53 -4.34 -12.33 -20.61
N ASN B 54 -3.84 -12.42 -21.83
CA ASN B 54 -2.61 -13.16 -22.09
C ASN B 54 -1.37 -12.27 -22.06
N THR B 55 -1.52 -10.96 -21.88
CA THR B 55 -0.36 -10.09 -21.83
C THR B 55 0.24 -10.05 -20.43
N ALA B 56 1.55 -9.83 -20.36
CA ALA B 56 2.23 -9.73 -19.08
C ALA B 56 1.76 -8.51 -18.30
N ALA B 57 1.43 -7.43 -19.01
CA ALA B 57 0.92 -6.24 -18.34
C ALA B 57 -0.39 -6.50 -17.63
N TYR B 58 -1.09 -7.58 -17.98
CA TYR B 58 -2.31 -7.97 -17.28
C TYR B 58 -2.02 -8.95 -16.16
N LYS B 59 -1.07 -9.87 -16.36
CA LYS B 59 -0.70 -10.80 -15.31
C LYS B 59 -0.11 -10.05 -14.11
N ALA B 60 0.73 -9.06 -14.37
CA ALA B 60 1.34 -8.29 -13.28
C ALA B 60 0.26 -7.60 -12.45
N ALA B 61 -0.73 -7.00 -13.10
CA ALA B 61 -1.82 -6.36 -12.37
C ALA B 61 -2.69 -7.39 -11.65
N LYS B 62 -2.89 -8.56 -12.23
CA LYS B 62 -3.69 -9.59 -11.58
C LYS B 62 -3.02 -10.09 -10.30
N GLN B 63 -1.69 -10.27 -10.34
CA GLN B 63 -0.97 -10.70 -9.14
C GLN B 63 -1.07 -9.64 -8.04
N LEU B 64 -0.94 -8.37 -8.41
CA LEU B 64 -0.88 -7.30 -7.42
C LEU B 64 -2.13 -7.27 -6.55
N TRP B 65 -3.30 -7.34 -7.18
CA TRP B 65 -4.56 -7.17 -6.46
C TRP B 65 -5.10 -8.47 -5.88
N SER B 66 -4.29 -9.53 -5.83
CA SER B 66 -4.71 -10.75 -5.15
C SER B 66 -4.62 -10.59 -3.64
N GLN B 67 -3.64 -9.80 -3.16
CA GLN B 67 -3.45 -9.63 -1.74
C GLN B 67 -4.52 -8.71 -1.16
N THR B 68 -4.68 -8.78 0.17
CA THR B 68 -5.64 -7.96 0.89
C THR B 68 -4.95 -7.39 2.13
N PRO B 69 -5.12 -6.09 2.42
CA PRO B 69 -5.91 -5.08 1.70
C PRO B 69 -5.27 -4.66 0.38
N LYS B 70 -6.04 -4.08 -0.52
CA LYS B 70 -5.57 -3.76 -1.87
C LYS B 70 -4.69 -2.52 -1.86
N VAL B 71 -3.94 -2.35 -2.96
CA VAL B 71 -3.20 -1.13 -3.20
C VAL B 71 -4.09 -0.15 -3.95
N THR B 72 -3.98 1.14 -3.61
CA THR B 72 -4.93 2.13 -4.13
C THR B 72 -4.84 2.26 -5.64
N GLN B 73 -3.62 2.30 -6.19
CA GLN B 73 -3.45 2.61 -7.60
C GLN B 73 -2.23 1.88 -8.14
N LEU B 74 -2.20 1.72 -9.47
CA LEU B 74 -1.12 1.06 -10.17
C LEU B 74 -0.82 1.83 -11.46
N TYR B 75 0.46 2.01 -11.76
CA TYR B 75 0.88 2.71 -12.96
C TYR B 75 1.52 1.73 -13.93
N ILE B 76 1.35 1.99 -15.23
CA ILE B 76 1.94 1.17 -16.28
C ILE B 76 2.66 2.11 -17.26
N GLY B 77 3.93 1.82 -17.50
CA GLY B 77 4.74 2.61 -18.42
C GLY B 77 4.85 1.92 -19.76
N ARG B 78 5.22 2.68 -20.78
CA ARG B 78 5.33 2.19 -22.15
C ARG B 78 6.77 2.32 -22.62
N ARG B 79 7.32 1.24 -23.17
CA ARG B 79 8.66 1.28 -23.73
C ARG B 79 8.60 1.63 -25.21
N ALA B 80 9.72 2.16 -25.71
CA ALA B 80 9.85 2.44 -27.13
C ALA B 80 9.79 1.14 -27.93
N MET B 81 9.28 1.24 -29.16
CA MET B 81 9.02 0.08 -29.99
C MET B 81 9.60 0.29 -31.39
N GLN B 82 10.11 -0.79 -31.97
CA GLN B 82 10.48 -0.86 -33.36
C GLN B 82 9.76 -2.02 -34.04
N TYR B 83 9.34 -1.80 -35.28
CA TYR B 83 8.56 -2.78 -36.01
C TYR B 83 9.33 -3.25 -37.23
N THR B 84 9.09 -4.49 -37.61
CA THR B 84 9.79 -5.11 -38.74
C THR B 84 8.77 -5.73 -39.67
N VAL B 85 9.08 -5.71 -40.97
CA VAL B 85 8.18 -6.22 -42.00
C VAL B 85 8.95 -7.19 -42.88
N SER B 86 8.24 -8.18 -43.42
CA SER B 86 8.85 -9.16 -44.29
C SER B 86 7.76 -9.73 -45.19
N ILE B 87 8.14 -10.69 -46.03
CA ILE B 87 7.23 -11.37 -46.94
C ILE B 87 7.24 -12.86 -46.58
N PRO B 88 6.13 -13.44 -46.11
CA PRO B 88 6.13 -14.87 -45.76
C PRO B 88 6.18 -15.78 -46.98
N ILE B 99 -0.07 -2.42 -45.75
CA ILE B 99 0.23 -2.18 -44.34
C ILE B 99 -0.43 -0.88 -43.91
N THR B 100 -0.39 -0.62 -42.60
CA THR B 100 -0.89 0.60 -42.01
C THR B 100 0.13 1.13 -41.01
N VAL B 101 0.36 2.44 -41.05
CA VAL B 101 1.35 3.09 -40.19
C VAL B 101 0.65 4.18 -39.39
N ALA B 102 0.94 4.23 -38.09
CA ALA B 102 0.34 5.20 -37.20
C ALA B 102 1.44 5.98 -36.49
N ALA B 103 1.09 7.18 -36.04
CA ALA B 103 2.06 8.07 -35.39
C ALA B 103 1.35 8.79 -34.25
N GLY B 104 2.16 9.44 -33.40
CA GLY B 104 1.60 10.16 -32.28
C GLY B 104 0.60 11.21 -32.74
N GLY B 105 -0.54 11.24 -32.06
CA GLY B 105 -1.61 12.15 -32.40
C GLY B 105 -2.70 11.55 -33.25
N GLY B 106 -2.70 10.23 -33.45
CA GLY B 106 -3.73 9.60 -34.26
C GLY B 106 -3.53 9.70 -35.74
N ILE B 107 -2.36 10.13 -36.20
CA ILE B 107 -2.10 10.26 -37.63
C ILE B 107 -1.85 8.87 -38.21
N SER B 108 -2.70 8.45 -39.14
CA SER B 108 -2.61 7.12 -39.73
C SER B 108 -2.71 7.23 -41.24
N GLN B 109 -1.89 6.45 -41.94
CA GLN B 109 -1.85 6.44 -43.40
C GLN B 109 -1.66 5.02 -43.88
N PRO B 110 -2.55 4.51 -44.75
CA PRO B 110 -2.34 3.18 -45.33
C PRO B 110 -1.47 3.22 -46.57
N TYR B 111 -0.93 2.05 -46.92
CA TYR B 111 -0.08 1.90 -48.08
C TYR B 111 -0.32 0.53 -48.69
N GLN B 112 -0.08 0.41 -50.00
CA GLN B 112 -0.33 -0.84 -50.69
C GLN B 112 0.44 -0.88 -52.00
N TYR B 113 0.97 -2.07 -52.30
CA TYR B 113 1.50 -2.39 -53.62
C TYR B 113 0.95 -3.74 -54.04
N THR B 114 0.71 -3.89 -55.35
CA THR B 114 0.10 -5.08 -55.90
C THR B 114 1.10 -5.84 -56.75
N ALA B 115 1.04 -7.17 -56.68
CA ALA B 115 1.92 -8.03 -57.45
C ALA B 115 1.57 -7.95 -58.93
N ALA B 121 10.82 -9.60 -53.30
CA ALA B 121 10.26 -8.97 -52.11
C ALA B 121 10.86 -7.57 -51.94
N GLU B 122 12.14 -7.43 -52.29
CA GLU B 122 12.80 -6.14 -52.15
C GLU B 122 12.07 -5.06 -52.94
N ASN B 123 11.50 -5.41 -54.10
CA ASN B 123 10.74 -4.43 -54.86
C ASN B 123 9.51 -3.96 -54.08
N VAL B 124 8.78 -4.86 -53.43
CA VAL B 124 7.61 -4.47 -52.67
C VAL B 124 8.02 -3.62 -51.47
N LEU B 125 9.09 -4.02 -50.78
CA LEU B 125 9.55 -3.23 -49.64
C LEU B 125 9.97 -1.83 -50.07
N GLN B 126 10.65 -1.72 -51.21
CA GLN B 126 11.04 -0.41 -51.71
C GLN B 126 9.83 0.40 -52.16
N GLN B 127 8.80 -0.26 -52.69
CA GLN B 127 7.57 0.43 -53.04
C GLN B 127 6.95 1.05 -51.79
N PHE B 128 6.84 0.27 -50.71
CA PHE B 128 6.30 0.78 -49.46
C PHE B 128 7.16 1.92 -48.93
N LYS B 129 8.48 1.76 -48.98
CA LYS B 129 9.38 2.80 -48.49
C LYS B 129 9.21 4.08 -49.28
N THR B 130 9.10 3.98 -50.60
CA THR B 130 8.90 5.17 -51.43
C THR B 130 7.57 5.84 -51.13
N GLN B 131 6.50 5.04 -50.98
CA GLN B 131 5.20 5.62 -50.65
C GLN B 131 5.25 6.36 -49.33
N ILE B 132 5.90 5.77 -48.32
CA ILE B 132 5.99 6.41 -47.01
C ILE B 132 6.82 7.70 -47.11
N GLU B 133 7.99 7.62 -47.73
CA GLU B 133 8.86 8.78 -47.80
C GLU B 133 8.29 9.86 -48.72
N ALA B 134 7.29 9.52 -49.53
CA ALA B 134 6.65 10.53 -50.36
C ALA B 134 5.48 11.19 -49.63
N ASP B 135 4.90 10.51 -48.64
CA ASP B 135 3.76 11.06 -47.94
C ASP B 135 4.17 12.28 -47.12
N PRO B 136 3.51 13.43 -47.28
CA PRO B 136 3.91 14.63 -46.54
C PRO B 136 3.30 14.75 -45.15
N THR B 137 2.53 13.76 -44.69
CA THR B 137 1.79 13.87 -43.44
C THR B 137 2.39 13.06 -42.30
N ILE B 138 2.97 11.89 -42.57
CA ILE B 138 3.37 10.97 -41.51
C ILE B 138 4.85 10.60 -41.66
N LYS B 139 5.44 10.88 -42.82
CA LYS B 139 6.80 10.40 -43.06
C LYS B 139 7.79 11.04 -42.09
N ASP B 140 7.64 12.34 -41.82
CA ASP B 140 8.60 13.04 -40.97
C ASP B 140 8.58 12.55 -39.54
N LYS B 141 7.48 11.95 -39.09
CA LYS B 141 7.38 11.46 -37.72
C LYS B 141 7.86 10.03 -37.56
N VAL B 142 8.26 9.37 -38.64
CA VAL B 142 8.75 7.99 -38.58
C VAL B 142 9.97 7.88 -39.49
N SER B 143 10.61 6.71 -39.44
CA SER B 143 11.74 6.39 -40.29
C SER B 143 11.54 5.00 -40.87
N VAL B 144 12.05 4.80 -42.08
CA VAL B 144 11.90 3.54 -42.80
C VAL B 144 13.26 3.14 -43.37
N ASN B 145 13.54 1.84 -43.33
CA ASN B 145 14.78 1.31 -43.89
C ASN B 145 14.55 -0.12 -44.35
N VAL B 146 15.39 -0.58 -45.26
CA VAL B 146 15.28 -1.94 -45.79
C VAL B 146 16.34 -2.82 -45.13
N THR B 154 13.96 -7.48 -45.55
CA THR B 154 13.13 -7.02 -44.43
C THR B 154 13.13 -5.50 -44.35
N MET B 155 12.20 -4.96 -43.56
CA MET B 155 12.05 -3.53 -43.37
C MET B 155 11.98 -3.23 -41.88
N ILE B 156 12.39 -2.03 -41.50
CA ILE B 156 12.43 -1.60 -40.11
C ILE B 156 11.86 -0.19 -40.02
N ILE B 157 11.02 0.03 -39.01
CA ILE B 157 10.37 1.32 -38.77
C ILE B 157 10.59 1.70 -37.32
N THR B 158 11.02 2.94 -37.11
CA THR B 158 11.39 3.41 -35.77
C THR B 158 10.91 4.84 -35.57
N LYS B 159 11.40 5.46 -34.52
CA LYS B 159 11.02 6.84 -34.21
C LYS B 159 11.65 7.81 -35.20
N ALA B 160 11.18 9.06 -35.14
CA ALA B 160 11.75 10.13 -35.94
C ALA B 160 11.18 11.45 -35.45
N GLY B 161 12.07 12.43 -35.28
CA GLY B 161 11.63 13.75 -34.83
C GLY B 161 10.99 13.68 -33.46
N ASP B 162 9.85 14.36 -33.31
CA ASP B 162 9.20 14.46 -32.02
C ASP B 162 8.34 13.25 -31.70
N ASN B 163 8.11 12.38 -32.68
CA ASN B 163 7.23 11.23 -32.49
C ASN B 163 7.76 10.36 -31.36
N ASP B 164 6.89 10.08 -30.38
CA ASP B 164 7.21 9.12 -29.32
C ASP B 164 6.40 7.84 -29.43
N PHE B 165 5.46 7.77 -30.37
CA PHE B 165 4.61 6.60 -30.55
C PHE B 165 4.55 6.25 -32.03
N VAL B 166 4.65 4.96 -32.33
CA VAL B 166 4.58 4.46 -33.71
C VAL B 166 4.05 3.03 -33.67
N LYS B 167 3.19 2.71 -34.63
CA LYS B 167 2.58 1.39 -34.69
C LYS B 167 2.47 0.97 -36.15
N VAL B 168 2.56 -0.35 -36.37
CA VAL B 168 2.43 -0.93 -37.70
C VAL B 168 1.55 -2.16 -37.58
N THR B 169 0.54 -2.25 -38.47
CA THR B 169 -0.40 -3.36 -38.44
C THR B 169 -0.80 -3.71 -39.87
N THR B 170 -1.47 -4.85 -40.01
CA THR B 170 -1.98 -5.27 -41.31
C THR B 170 -2.95 -6.45 -41.15
N GLN B 173 -2.56 -10.92 -46.37
CA GLN B 173 -1.69 -11.68 -45.49
C GLN B 173 -0.35 -11.96 -46.16
N THR B 174 -0.10 -11.30 -47.29
CA THR B 174 1.18 -11.42 -47.98
C THR B 174 2.28 -10.60 -47.33
N VAL B 175 1.98 -9.90 -46.23
CA VAL B 175 2.96 -9.11 -45.51
C VAL B 175 2.93 -9.54 -44.05
N TYR B 176 4.13 -9.69 -43.46
CA TYR B 176 4.28 -10.12 -42.08
C TYR B 176 4.88 -8.99 -41.26
N ILE B 177 4.50 -8.90 -40.00
CA ILE B 177 4.90 -7.80 -39.12
C ILE B 177 5.46 -8.39 -37.82
N ALA B 178 6.35 -7.64 -37.19
CA ALA B 178 6.98 -8.04 -35.93
C ALA B 178 7.26 -6.79 -35.11
N SER B 179 7.61 -7.00 -33.84
CA SER B 179 7.88 -5.89 -32.94
C SER B 179 8.94 -6.32 -31.93
N THR B 180 9.63 -5.32 -31.38
CA THR B 180 10.70 -5.57 -30.41
C THR B 180 11.01 -4.27 -29.70
N THR B 181 11.39 -4.38 -28.42
CA THR B 181 11.78 -3.22 -27.65
C THR B 181 13.02 -2.58 -28.26
N ALA B 182 13.00 -1.26 -28.43
CA ALA B 182 14.07 -0.56 -29.11
C ALA B 182 14.68 0.54 -28.26
N ASP B 183 14.93 0.25 -26.98
CA ASP B 183 15.55 1.22 -26.09
C ASP B 183 16.29 0.50 -24.98
N THR B 184 17.25 1.20 -24.38
CA THR B 184 17.97 0.68 -23.22
C THR B 184 17.23 1.05 -21.95
N ALA B 185 17.65 0.44 -20.84
CA ALA B 185 17.03 0.73 -19.56
C ALA B 185 17.17 2.21 -19.20
N SER B 186 18.36 2.77 -19.40
CA SER B 186 18.60 4.16 -19.05
C SER B 186 17.65 5.09 -19.79
N THR B 187 17.55 4.93 -21.12
CA THR B 187 16.73 5.83 -21.91
C THR B 187 15.25 5.70 -21.55
N ALA B 188 14.76 4.47 -21.39
CA ALA B 188 13.36 4.28 -21.04
C ALA B 188 13.05 4.88 -19.67
N LEU B 189 13.94 4.65 -18.71
CA LEU B 189 13.73 5.19 -17.37
C LEU B 189 13.74 6.72 -17.39
N ALA B 190 14.67 7.31 -18.13
CA ALA B 190 14.70 8.77 -18.22
C ALA B 190 13.43 9.31 -18.87
N ALA B 191 13.00 8.69 -19.97
CA ALA B 191 11.80 9.13 -20.67
C ALA B 191 10.55 8.99 -19.83
N ILE B 192 10.47 7.97 -18.97
CA ILE B 192 9.33 7.79 -18.09
C ILE B 192 9.38 8.74 -16.90
N GLU B 193 10.59 9.02 -16.38
CA GLU B 193 10.72 9.99 -15.30
C GLU B 193 10.39 11.39 -15.78
N ALA B 194 10.64 11.69 -17.06
CA ALA B 194 10.35 13.02 -17.58
C ALA B 194 8.85 13.20 -17.81
N TYR B 195 8.05 12.22 -17.41
CA TYR B 195 6.60 12.30 -17.56
C TYR B 195 5.90 12.27 -16.21
N SER B 196 6.29 11.35 -15.34
CA SER B 196 5.65 11.16 -14.04
C SER B 196 6.69 10.74 -13.02
N THR B 197 6.77 11.50 -11.92
CA THR B 197 7.70 11.18 -10.85
C THR B 197 7.02 10.59 -9.63
N ASP B 198 5.75 10.19 -9.74
CA ASP B 198 4.98 9.71 -8.60
C ASP B 198 4.94 8.18 -8.69
N TRP B 199 5.97 7.55 -8.15
CA TRP B 199 6.02 6.09 -8.01
C TRP B 199 7.26 5.75 -7.19
N TYR B 200 7.15 4.67 -6.41
CA TYR B 200 8.26 4.25 -5.57
C TYR B 200 8.79 2.89 -6.00
N PHE B 201 7.92 1.89 -6.10
CA PHE B 201 8.31 0.56 -6.56
C PHE B 201 8.27 0.51 -8.08
N ILE B 202 9.24 -0.19 -8.67
CA ILE B 202 9.29 -0.39 -10.11
C ILE B 202 9.62 -1.85 -10.40
N ALA B 203 8.82 -2.45 -11.28
CA ALA B 203 9.06 -3.80 -11.78
C ALA B 203 9.01 -3.75 -13.30
N ALA B 204 9.63 -4.74 -13.94
CA ALA B 204 9.77 -4.73 -15.39
C ALA B 204 9.35 -6.06 -15.98
N GLU B 205 8.84 -6.00 -17.22
CA GLU B 205 8.50 -7.21 -17.95
C GLU B 205 9.76 -7.91 -18.47
N ASP B 206 10.72 -7.14 -18.96
CA ASP B 206 11.94 -7.71 -19.53
C ASP B 206 12.79 -8.31 -18.42
N ARG B 207 13.33 -9.50 -18.67
CA ARG B 207 14.14 -10.22 -17.70
C ARG B 207 15.48 -10.67 -18.26
N THR B 208 16.00 -9.99 -19.27
CA THR B 208 17.31 -10.33 -19.81
C THR B 208 18.41 -9.85 -18.87
N GLN B 209 19.57 -10.48 -18.97
CA GLN B 209 20.66 -10.16 -18.04
C GLN B 209 21.13 -8.72 -18.20
N GLN B 210 21.22 -8.22 -19.44
CA GLN B 210 21.73 -6.88 -19.67
C GLN B 210 20.77 -5.82 -19.14
N PHE B 211 19.48 -5.93 -19.49
CA PHE B 211 18.51 -4.93 -19.07
C PHE B 211 18.37 -4.89 -17.56
N VAL B 212 18.36 -6.07 -16.92
CA VAL B 212 18.21 -6.11 -15.46
C VAL B 212 19.37 -5.40 -14.79
N LEU B 213 20.59 -5.68 -15.25
CA LEU B 213 21.76 -5.05 -14.64
C LEU B 213 21.77 -3.54 -14.89
N ALA B 214 21.40 -3.12 -16.11
CA ALA B 214 21.36 -1.69 -16.39
C ALA B 214 20.34 -0.99 -15.51
N MET B 215 19.14 -1.57 -15.36
CA MET B 215 18.12 -0.96 -14.53
C MET B 215 18.54 -0.93 -13.07
N ALA B 216 19.20 -1.99 -12.61
CA ALA B 216 19.70 -2.00 -11.23
C ALA B 216 20.73 -0.90 -11.02
N SER B 217 21.61 -0.70 -12.00
CA SER B 217 22.61 0.36 -11.88
C SER B 217 21.96 1.74 -11.90
N GLU B 218 20.91 1.92 -12.69
CA GLU B 218 20.26 3.23 -12.77
C GLU B 218 19.50 3.58 -11.49
N ILE B 219 18.72 2.63 -10.97
CA ILE B 219 17.91 2.92 -9.80
C ILE B 219 18.79 3.16 -8.57
N GLN B 220 20.04 2.67 -8.59
CA GLN B 220 20.91 2.89 -7.45
C GLN B 220 21.19 4.37 -7.22
N ALA B 221 21.13 5.17 -8.28
CA ALA B 221 21.34 6.61 -8.19
C ALA B 221 20.05 7.37 -7.94
N ARG B 222 19.01 6.70 -7.47
CA ARG B 222 17.71 7.31 -7.23
C ARG B 222 17.14 6.74 -5.94
N LYS B 223 16.11 7.39 -5.42
CA LYS B 223 15.44 6.95 -4.21
C LYS B 223 14.19 6.15 -4.58
N LYS B 224 14.44 5.01 -5.25
CA LYS B 224 13.40 4.09 -5.64
C LYS B 224 13.90 2.68 -5.36
N ILE B 225 12.98 1.71 -5.42
CA ILE B 225 13.31 0.30 -5.18
C ILE B 225 12.87 -0.50 -6.39
N PHE B 226 13.74 -1.41 -6.84
CA PHE B 226 13.52 -2.20 -8.05
C PHE B 226 13.32 -3.66 -7.65
N PHE B 227 12.12 -4.18 -7.89
CA PHE B 227 11.79 -5.57 -7.60
C PHE B 227 11.94 -6.40 -8.86
N THR B 228 12.60 -7.55 -8.75
CA THR B 228 12.83 -8.42 -9.90
C THR B 228 12.79 -9.87 -9.44
N ALA B 229 12.51 -10.76 -10.38
CA ALA B 229 12.48 -12.19 -10.14
C ALA B 229 13.52 -12.89 -11.00
N ASN B 230 13.69 -14.19 -10.77
CA ASN B 230 14.67 -14.96 -11.50
C ASN B 230 14.33 -16.44 -11.39
N SER B 231 14.73 -17.21 -12.41
CA SER B 231 14.57 -18.65 -12.41
C SER B 231 15.78 -19.37 -12.97
N ASP B 232 16.95 -18.76 -12.93
CA ASP B 232 18.17 -19.37 -13.44
C ASP B 232 18.62 -20.51 -12.53
N VAL B 233 18.71 -21.71 -13.07
CA VAL B 233 19.01 -22.90 -12.27
C VAL B 233 20.46 -22.89 -11.83
N THR B 234 21.31 -22.14 -12.53
CA THR B 234 22.71 -22.06 -12.15
C THR B 234 22.89 -21.32 -10.83
N ALA B 235 21.85 -20.66 -10.33
CA ALA B 235 21.93 -19.95 -9.07
C ALA B 235 21.81 -20.88 -7.86
N LEU B 236 21.30 -22.09 -8.05
CA LEU B 236 21.04 -23.00 -6.94
C LEU B 236 22.25 -23.85 -6.58
N GLN B 237 23.39 -23.66 -7.24
CA GLN B 237 24.58 -24.47 -6.97
C GLN B 237 25.77 -23.54 -6.79
N GLY B 238 26.69 -23.97 -5.92
CA GLY B 238 27.89 -23.20 -5.65
C GLY B 238 27.71 -22.23 -4.50
N THR B 239 28.54 -22.37 -3.47
CA THR B 239 28.47 -21.51 -2.29
C THR B 239 29.50 -20.39 -2.30
N GLU B 240 30.46 -20.42 -3.23
CA GLU B 240 31.48 -19.39 -3.32
C GLU B 240 30.97 -18.27 -4.22
N LEU B 241 30.74 -17.09 -3.65
CA LEU B 241 30.25 -15.96 -4.43
C LEU B 241 31.29 -15.44 -5.41
N ALA B 242 32.58 -15.65 -5.12
CA ALA B 242 33.62 -15.14 -6.00
C ALA B 242 33.56 -15.80 -7.38
N SER B 243 33.30 -17.11 -7.40
CA SER B 243 33.29 -17.84 -8.67
C SER B 243 31.96 -17.73 -9.40
N ALA B 244 30.85 -17.61 -8.66
CA ALA B 244 29.54 -17.53 -9.29
C ALA B 244 29.43 -16.27 -10.13
N ASN B 245 28.71 -16.38 -11.26
CA ASN B 245 28.54 -15.22 -12.13
C ASN B 245 27.13 -15.09 -12.71
N ASP B 246 26.12 -15.72 -12.11
CA ASP B 246 24.75 -15.51 -12.53
C ASP B 246 24.30 -14.10 -12.15
N VAL B 247 23.06 -13.77 -12.51
CA VAL B 247 22.56 -12.41 -12.26
C VAL B 247 22.51 -12.09 -10.78
N PRO B 248 21.94 -12.93 -9.91
CA PRO B 248 21.95 -12.60 -8.48
C PRO B 248 23.35 -12.38 -7.92
N ALA B 249 24.31 -13.19 -8.34
CA ALA B 249 25.68 -13.03 -7.86
C ALA B 249 26.27 -11.70 -8.31
N GLN B 250 26.01 -11.30 -9.55
CA GLN B 250 26.50 -10.01 -10.03
C GLN B 250 25.86 -8.86 -9.29
N LEU B 251 24.55 -8.97 -9.01
CA LEU B 251 23.88 -7.93 -8.22
C LEU B 251 24.49 -7.84 -6.82
N ALA B 252 24.75 -8.98 -6.19
CA ALA B 252 25.33 -8.97 -4.86
C ALA B 252 26.74 -8.39 -4.87
N LYS B 253 27.52 -8.70 -5.90
CA LYS B 253 28.89 -8.20 -5.97
C LYS B 253 28.93 -6.69 -6.08
N ASN B 254 27.97 -6.10 -6.78
CA ASN B 254 27.93 -4.65 -6.95
C ASN B 254 27.32 -3.93 -5.75
N MET B 255 26.83 -4.66 -4.75
CA MET B 255 26.28 -4.06 -3.54
C MET B 255 25.13 -3.10 -3.85
N TYR B 256 24.25 -3.50 -4.77
CA TYR B 256 23.07 -2.71 -5.11
C TYR B 256 22.05 -2.86 -3.99
N THR B 257 22.15 -1.97 -3.00
CA THR B 257 21.28 -2.06 -1.83
C THR B 257 19.82 -1.79 -2.17
N ARG B 258 19.54 -1.20 -3.33
CA ARG B 258 18.18 -0.82 -3.70
C ARG B 258 17.52 -1.82 -4.65
N THR B 259 18.10 -3.00 -4.81
CA THR B 259 17.57 -4.04 -5.67
C THR B 259 17.14 -5.23 -4.83
N VAL B 260 15.93 -5.73 -5.07
CA VAL B 260 15.39 -6.90 -4.39
C VAL B 260 15.20 -7.99 -5.43
N CYS B 261 15.86 -9.13 -5.21
CA CYS B 261 15.81 -10.25 -6.13
C CYS B 261 15.12 -11.44 -5.46
N LEU B 262 14.19 -12.04 -6.18
CA LEU B 262 13.43 -13.19 -5.68
C LEU B 262 13.59 -14.34 -6.65
N TRP B 263 13.83 -15.54 -6.11
CA TRP B 263 13.99 -16.74 -6.93
C TRP B 263 12.68 -17.50 -6.93
N HIS B 264 12.22 -17.90 -8.11
CA HIS B 264 10.96 -18.60 -8.26
C HIS B 264 10.92 -19.26 -9.62
N HIS B 265 10.54 -20.55 -9.66
CA HIS B 265 10.54 -21.27 -10.92
C HIS B 265 9.58 -20.65 -11.93
N ALA B 266 8.42 -20.19 -11.46
CA ALA B 266 7.41 -19.62 -12.34
C ALA B 266 7.75 -18.19 -12.77
N ALA B 267 8.97 -17.72 -12.55
CA ALA B 267 9.38 -16.40 -12.99
C ALA B 267 9.63 -16.34 -14.49
N ALA B 268 9.39 -17.43 -15.23
CA ALA B 268 9.58 -17.41 -16.68
C ALA B 268 8.58 -16.45 -17.34
N GLU B 269 7.30 -16.57 -16.98
CA GLU B 269 6.26 -15.74 -17.58
C GLU B 269 5.20 -15.32 -16.58
N ASP B 270 5.50 -15.42 -15.28
CA ASP B 270 4.60 -14.98 -14.23
C ASP B 270 5.35 -13.99 -13.34
N TYR B 271 4.61 -13.17 -12.61
CA TYR B 271 5.18 -12.03 -11.89
C TYR B 271 4.75 -12.05 -10.43
N PRO B 272 5.40 -12.88 -9.61
CA PRO B 272 5.15 -12.82 -8.15
C PRO B 272 5.76 -11.60 -7.47
N GLU B 273 6.63 -10.86 -8.14
CA GLU B 273 7.19 -9.64 -7.55
C GLU B 273 6.08 -8.72 -7.13
N MET B 274 5.01 -8.64 -7.92
CA MET B 274 3.91 -7.74 -7.60
C MET B 274 3.16 -8.19 -6.36
N ALA B 275 2.99 -9.51 -6.18
CA ALA B 275 2.40 -10.00 -4.93
C ALA B 275 3.29 -9.64 -3.75
N TYR B 276 4.60 -9.83 -3.89
CA TYR B 276 5.49 -9.46 -2.80
C TYR B 276 5.43 -7.97 -2.50
N ILE B 277 5.33 -7.14 -3.54
CA ILE B 277 5.20 -5.71 -3.34
C ILE B 277 3.92 -5.40 -2.58
N ALA B 278 2.79 -5.96 -3.03
CA ALA B 278 1.51 -5.70 -2.41
C ALA B 278 1.44 -6.23 -0.99
N TYR B 279 2.32 -7.16 -0.61
CA TYR B 279 2.30 -7.65 0.76
C TYR B 279 2.52 -6.52 1.77
N GLY B 280 3.43 -5.59 1.48
CA GLY B 280 3.80 -4.57 2.45
C GLY B 280 3.55 -3.15 2.02
N ALA B 281 3.22 -2.94 0.75
CA ALA B 281 2.98 -1.60 0.22
C ALA B 281 1.84 -0.89 0.96
N PRO B 282 0.73 -1.57 1.23
CA PRO B 282 -0.43 -0.86 1.84
C PRO B 282 -0.16 -0.30 3.22
N TYR B 283 0.96 -0.63 3.86
CA TYR B 283 1.18 -0.30 5.26
C TYR B 283 2.18 0.86 5.38
N ASP B 284 2.32 1.36 6.60
CA ASP B 284 3.15 2.53 6.87
C ASP B 284 4.62 2.16 6.79
N ALA B 285 5.44 3.17 6.50
CA ALA B 285 6.86 2.95 6.25
C ALA B 285 7.64 2.80 7.55
N GLY B 286 8.54 1.82 7.58
CA GLY B 286 9.44 1.67 8.71
C GLY B 286 8.85 1.00 9.93
N SER B 287 7.61 0.51 9.85
CA SER B 287 6.94 -0.08 11.00
C SER B 287 6.55 -1.54 10.78
N ILE B 288 7.13 -2.20 9.79
CA ILE B 288 6.83 -3.60 9.51
C ILE B 288 8.11 -4.31 9.11
N ALA B 289 8.05 -5.64 9.09
CA ALA B 289 9.16 -6.48 8.67
C ALA B 289 8.72 -7.31 7.46
N TRP B 290 9.53 -7.29 6.40
CA TRP B 290 9.19 -7.96 5.17
C TRP B 290 9.54 -9.44 5.17
N GLY B 291 10.25 -9.92 6.20
CA GLY B 291 10.56 -11.33 6.31
C GLY B 291 9.40 -12.13 6.83
N ASN B 292 9.45 -13.45 6.61
CA ASN B 292 8.39 -14.37 7.01
C ASN B 292 7.04 -13.96 6.42
N ALA B 293 7.05 -13.37 5.24
CA ALA B 293 5.82 -12.88 4.63
C ALA B 293 5.01 -14.03 4.05
N GLN B 294 3.69 -13.96 4.22
CA GLN B 294 2.77 -14.95 3.66
C GLN B 294 2.05 -14.32 2.47
N LEU B 295 2.17 -14.94 1.30
CA LEU B 295 1.54 -14.47 0.09
C LEU B 295 0.40 -15.41 -0.29
N THR B 296 -0.76 -14.83 -0.58
CA THR B 296 -1.93 -15.61 -0.94
C THR B 296 -1.84 -16.08 -2.39
N GLY B 297 -2.03 -17.38 -2.60
CA GLY B 297 -2.09 -17.93 -3.93
C GLY B 297 -0.75 -18.12 -4.63
N VAL B 298 0.36 -17.95 -3.91
CA VAL B 298 1.69 -18.12 -4.49
C VAL B 298 2.31 -19.39 -3.92
N ALA B 299 2.75 -20.27 -4.81
CA ALA B 299 3.35 -21.53 -4.41
C ALA B 299 4.82 -21.34 -4.07
N ALA B 300 5.41 -22.37 -3.45
CA ALA B 300 6.80 -22.31 -3.03
C ALA B 300 7.73 -22.41 -4.24
N SER B 301 9.00 -22.11 -4.01
CA SER B 301 10.02 -22.24 -5.04
C SER B 301 10.33 -23.71 -5.25
N LEU B 302 10.12 -24.21 -6.46
CA LEU B 302 10.28 -25.61 -6.78
C LEU B 302 11.44 -25.81 -7.75
N GLN B 303 12.17 -26.89 -7.56
CA GLN B 303 13.23 -27.26 -8.50
C GLN B 303 12.61 -27.54 -9.86
N PRO B 304 13.08 -26.89 -10.93
CA PRO B 304 12.43 -27.12 -12.24
C PRO B 304 12.43 -28.58 -12.68
N SER B 305 13.49 -29.32 -12.38
CA SER B 305 13.64 -30.67 -12.93
C SER B 305 12.61 -31.65 -12.39
N ASN B 306 12.31 -31.63 -11.09
CA ASN B 306 11.39 -32.61 -10.53
C ASN B 306 10.28 -31.99 -9.69
N GLN B 307 10.07 -30.68 -9.72
CA GLN B 307 8.93 -30.03 -9.09
C GLN B 307 8.87 -30.34 -7.59
N ARG B 308 10.02 -30.39 -6.93
CA ARG B 308 10.08 -30.61 -5.49
C ARG B 308 10.72 -29.41 -4.79
N PRO B 309 10.29 -29.08 -3.58
CA PRO B 309 10.85 -27.90 -2.91
C PRO B 309 12.37 -27.99 -2.77
N LEU B 310 13.01 -26.82 -2.79
CA LEU B 310 14.46 -26.77 -2.80
C LEU B 310 15.03 -27.44 -1.56
N THR B 311 16.18 -28.10 -1.74
CA THR B 311 16.90 -28.66 -0.61
C THR B 311 17.66 -27.56 0.13
N SER B 312 18.12 -27.90 1.34
CA SER B 312 18.81 -26.92 2.17
C SER B 312 20.09 -26.40 1.51
N ILE B 313 20.77 -27.23 0.72
CA ILE B 313 21.99 -26.78 0.06
C ILE B 313 21.68 -25.70 -0.96
N GLN B 314 20.62 -25.88 -1.74
CA GLN B 314 20.22 -24.85 -2.71
C GLN B 314 19.76 -23.58 -2.00
N LYS B 315 19.08 -23.71 -0.86
CA LYS B 315 18.71 -22.54 -0.10
C LYS B 315 19.95 -21.79 0.40
N SER B 316 20.98 -22.52 0.85
CA SER B 316 22.21 -21.86 1.24
C SER B 316 22.88 -21.17 0.05
N ALA B 317 22.86 -21.82 -1.12
CA ALA B 317 23.42 -21.21 -2.32
C ALA B 317 22.72 -19.90 -2.65
N LEU B 318 21.39 -19.87 -2.54
CA LEU B 318 20.67 -18.61 -2.71
C LEU B 318 21.04 -17.62 -1.61
N ASP B 319 21.24 -18.12 -0.39
CA ASP B 319 21.50 -17.24 0.75
C ASP B 319 22.80 -16.48 0.57
N VAL B 320 23.85 -17.14 0.09
CA VAL B 320 25.13 -16.45 -0.06
C VAL B 320 25.05 -15.35 -1.12
N ARG B 321 24.06 -15.41 -2.01
CA ARG B 321 23.88 -14.40 -3.04
C ARG B 321 22.95 -13.27 -2.59
N HIS B 322 22.48 -13.30 -1.34
CA HIS B 322 21.52 -12.31 -0.85
C HIS B 322 20.24 -12.31 -1.68
N CYS B 323 19.88 -13.47 -2.20
CA CYS B 323 18.67 -13.64 -3.01
C CYS B 323 17.59 -14.28 -2.16
N ASN B 324 16.37 -13.76 -2.27
CA ASN B 324 15.26 -14.28 -1.49
C ASN B 324 14.69 -15.52 -2.15
N PHE B 325 13.74 -16.14 -1.46
CA PHE B 325 13.09 -17.35 -1.96
C PHE B 325 11.86 -17.61 -1.10
N ILE B 326 11.04 -18.55 -1.56
CA ILE B 326 9.83 -18.95 -0.82
C ILE B 326 10.11 -20.30 -0.18
N ASP B 327 10.16 -20.31 1.15
CA ASP B 327 10.51 -21.47 1.95
C ASP B 327 9.22 -22.13 2.47
N LEU B 328 9.35 -23.37 2.92
CA LEU B 328 8.26 -24.06 3.60
C LEU B 328 8.71 -24.38 5.02
N ASP B 329 7.97 -23.83 6.00
CA ASP B 329 8.22 -24.18 7.39
C ASP B 329 7.77 -25.60 7.69
N GLY B 330 7.07 -26.23 6.74
CA GLY B 330 6.63 -27.60 6.86
C GLY B 330 5.26 -27.81 6.27
N GLY B 331 4.43 -26.77 6.28
CA GLY B 331 3.13 -26.83 5.64
C GLY B 331 2.66 -25.53 5.03
N VAL B 332 3.46 -24.47 5.13
CA VAL B 332 3.05 -23.13 4.76
C VAL B 332 4.20 -22.47 4.01
N PRO B 333 3.95 -21.82 2.87
CA PRO B 333 5.02 -21.08 2.20
C PRO B 333 5.19 -19.69 2.81
N VAL B 334 6.44 -19.25 2.94
CA VAL B 334 6.77 -17.95 3.50
C VAL B 334 8.07 -17.45 2.88
N VAL B 335 8.05 -16.22 2.39
CA VAL B 335 9.26 -15.58 1.88
C VAL B 335 10.20 -15.32 3.05
N ARG B 336 11.48 -15.67 2.88
CA ARG B 336 12.42 -15.71 3.99
C ARG B 336 13.40 -14.56 3.91
N ARG B 337 13.65 -13.94 5.08
CA ARG B 337 14.59 -12.84 5.26
C ARG B 337 14.06 -11.53 4.68
N GLY B 338 13.94 -11.43 3.37
CA GLY B 338 13.52 -10.19 2.76
C GLY B 338 14.59 -9.13 2.86
N ILE B 339 15.74 -9.38 2.24
CA ILE B 339 16.87 -8.46 2.24
C ILE B 339 17.17 -8.04 0.82
N THR B 340 17.74 -6.85 0.68
CA THR B 340 18.19 -6.39 -0.63
C THR B 340 19.53 -7.04 -0.97
N SER B 341 19.97 -6.83 -2.21
CA SER B 341 21.20 -7.46 -2.67
C SER B 341 22.41 -6.96 -1.90
N GLY B 342 22.33 -5.76 -1.34
CA GLY B 342 23.42 -5.20 -0.57
C GLY B 342 23.46 -5.63 0.88
N GLY B 343 22.52 -6.47 1.31
CA GLY B 343 22.47 -6.97 2.67
C GLY B 343 21.61 -6.15 3.61
N GLU B 344 21.19 -4.96 3.19
CA GLU B 344 20.35 -4.12 4.05
C GLU B 344 18.90 -4.55 3.96
N TRP B 345 18.23 -4.61 5.10
CA TRP B 345 16.82 -5.00 5.13
C TRP B 345 15.99 -3.97 4.37
N ILE B 346 14.94 -4.46 3.69
CA ILE B 346 14.06 -3.57 2.95
C ILE B 346 13.43 -2.55 3.89
N ASP B 347 13.12 -2.97 5.12
CA ASP B 347 12.47 -2.09 6.08
C ASP B 347 13.31 -0.85 6.33
N ILE B 348 14.63 -1.02 6.51
CA ILE B 348 15.49 0.12 6.78
C ILE B 348 15.48 1.09 5.60
N VAL B 349 15.60 0.58 4.38
CA VAL B 349 15.64 1.45 3.20
C VAL B 349 14.35 2.25 3.10
N ARG B 350 13.21 1.56 3.17
CA ARG B 350 11.93 2.24 3.04
C ARG B 350 11.68 3.23 4.16
N GLY B 351 12.05 2.89 5.40
CA GLY B 351 11.89 3.81 6.50
C GLY B 351 12.74 5.06 6.34
N VAL B 352 13.98 4.89 5.90
CA VAL B 352 14.84 6.05 5.69
C VAL B 352 14.25 6.95 4.61
N ASP B 353 13.77 6.36 3.51
CA ASP B 353 13.17 7.18 2.46
C ASP B 353 11.94 7.93 2.97
N TRP B 354 11.09 7.25 3.73
CA TRP B 354 9.92 7.94 4.28
C TRP B 354 10.34 9.06 5.21
N LEU B 355 11.36 8.83 6.04
CA LEU B 355 11.82 9.86 6.96
C LEU B 355 12.29 11.08 6.20
N GLU B 356 13.05 10.88 5.13
CA GLU B 356 13.50 12.00 4.32
C GLU B 356 12.31 12.75 3.73
N SER B 357 11.32 12.02 3.21
CA SER B 357 10.15 12.66 2.64
C SER B 357 9.40 13.49 3.68
N ASP B 358 9.25 12.95 4.89
CA ASP B 358 8.55 13.67 5.95
C ASP B 358 9.29 14.95 6.32
N LEU B 359 10.62 14.87 6.46
CA LEU B 359 11.38 16.08 6.75
C LEU B 359 11.19 17.11 5.65
N LYS B 360 11.24 16.66 4.40
CA LYS B 360 11.10 17.54 3.25
C LYS B 360 9.74 18.23 3.22
N THR B 361 8.67 17.51 3.54
CA THR B 361 7.34 18.09 3.59
C THR B 361 7.17 19.06 4.75
N SER B 362 7.66 18.72 5.93
CA SER B 362 7.49 19.59 7.09
C SER B 362 8.23 20.91 6.91
N LEU B 363 9.49 20.85 6.48
CA LEU B 363 10.22 22.09 6.26
C LEU B 363 9.62 22.91 5.12
N ARG B 364 9.10 22.23 4.09
CA ARG B 364 8.44 22.94 3.01
C ARG B 364 7.21 23.68 3.52
N ASP B 365 6.41 23.03 4.35
CA ASP B 365 5.25 23.70 4.94
C ASP B 365 5.65 24.87 5.81
N LEU B 366 6.74 24.78 6.57
CA LEU B 366 7.20 25.94 7.32
C LEU B 366 7.61 27.08 6.39
N LEU B 367 8.48 26.80 5.42
CA LEU B 367 9.03 27.86 4.58
C LEU B 367 7.95 28.53 3.73
N ILE B 368 7.05 27.75 3.15
CA ILE B 368 5.86 28.29 2.49
C ILE B 368 4.93 28.76 3.60
N ASN B 369 3.90 29.51 3.23
CA ASN B 369 2.89 30.00 4.17
C ASN B 369 3.41 31.18 4.99
N GLN B 370 4.61 31.66 4.68
CA GLN B 370 5.06 32.93 5.20
C GLN B 370 4.51 34.04 4.32
N LYS B 371 3.20 34.04 4.12
CA LYS B 371 2.55 34.92 3.15
C LYS B 371 2.33 36.32 3.69
N GLY B 372 3.39 37.09 3.85
CA GLY B 372 3.29 38.43 4.42
C GLY B 372 4.31 38.69 5.50
N GLY B 373 5.29 37.80 5.63
CA GLY B 373 6.30 37.95 6.66
C GLY B 373 7.65 37.41 6.22
N LYS B 374 8.53 37.16 7.18
CA LYS B 374 9.87 36.68 6.90
C LYS B 374 10.25 35.61 7.91
N ILE B 375 11.27 34.84 7.56
CA ILE B 375 12.05 34.07 8.51
C ILE B 375 13.44 34.68 8.54
N THR B 376 13.68 35.57 9.50
CA THR B 376 14.89 36.38 9.52
C THR B 376 16.11 35.51 9.73
N TYR B 377 17.24 35.96 9.19
CA TYR B 377 18.49 35.22 9.30
C TYR B 377 19.19 35.53 10.62
N ASP B 378 18.54 35.21 11.72
CA ASP B 378 19.13 35.32 13.05
C ASP B 378 18.72 34.09 13.86
N ASP B 379 19.20 34.03 15.10
CA ASP B 379 18.93 32.86 15.93
C ASP B 379 17.44 32.61 16.13
N THR B 380 16.62 33.66 16.12
CA THR B 380 15.19 33.48 16.24
C THR B 380 14.62 32.66 15.08
N GLY B 381 15.12 32.89 13.87
CA GLY B 381 14.66 32.12 12.73
C GLY B 381 15.23 30.71 12.69
N ILE B 382 16.46 30.55 13.19
CA ILE B 382 17.10 29.23 13.17
C ILE B 382 16.45 28.29 14.18
N THR B 383 16.08 28.82 15.35
CA THR B 383 15.42 27.97 16.34
C THR B 383 14.08 27.45 15.82
N ARG B 384 13.38 28.25 15.01
CA ARG B 384 12.13 27.78 14.44
C ARG B 384 12.33 26.59 13.52
N ILE B 385 13.43 26.56 12.76
CA ILE B 385 13.75 25.39 11.93
C ILE B 385 14.16 24.20 12.79
N ARG B 386 14.96 24.44 13.84
CA ARG B 386 15.28 23.39 14.79
C ARG B 386 14.01 22.72 15.31
N GLN B 387 13.00 23.53 15.63
CA GLN B 387 11.78 23.00 16.20
C GLN B 387 11.09 22.03 15.24
N VAL B 388 10.95 22.42 13.98
CA VAL B 388 10.27 21.54 13.02
C VAL B 388 11.09 20.29 12.73
N ILE B 389 12.41 20.40 12.67
CA ILE B 389 13.23 19.19 12.46
C ILE B 389 13.05 18.23 13.63
N GLU B 390 13.06 18.76 14.86
CA GLU B 390 12.87 17.90 16.02
C GLU B 390 11.49 17.25 16.02
N THR B 391 10.46 18.00 15.64
CA THR B 391 9.11 17.42 15.60
C THR B 391 9.02 16.31 14.56
N SER B 392 9.62 16.53 13.38
CA SER B 392 9.58 15.53 12.34
C SER B 392 10.38 14.28 12.70
N LEU B 393 11.43 14.41 13.51
CA LEU B 393 12.14 13.22 13.97
C LEU B 393 11.38 12.52 15.10
N GLN B 394 10.68 13.28 15.93
CA GLN B 394 9.83 12.68 16.95
C GLN B 394 8.71 11.87 16.32
N ARG B 395 8.20 12.33 15.17
CA ARG B 395 7.21 11.53 14.45
C ARG B 395 7.74 10.14 14.11
N ALA B 396 9.02 10.03 13.73
CA ALA B 396 9.61 8.73 13.45
C ALA B 396 9.86 7.95 14.72
N VAL B 397 10.25 8.63 15.80
CA VAL B 397 10.48 7.92 17.06
C VAL B 397 9.18 7.30 17.57
N ASN B 398 8.05 7.98 17.35
CA ASN B 398 6.77 7.44 17.81
C ASN B 398 6.39 6.15 17.11
N ARG B 399 6.81 5.95 15.86
CA ARG B 399 6.52 4.72 15.12
C ARG B 399 7.31 3.53 15.63
N ASN B 400 8.27 3.73 16.52
CA ASN B 400 9.18 2.69 16.95
C ASN B 400 10.17 2.34 15.85
N PHE B 401 10.30 3.21 14.85
CA PHE B 401 11.35 3.06 13.84
C PHE B 401 12.71 3.44 14.42
N LEU B 402 12.81 4.65 14.95
CA LEU B 402 14.00 5.07 15.69
C LEU B 402 13.80 4.88 17.18
N SER B 403 14.85 5.12 17.94
CA SER B 403 14.78 5.10 19.39
C SER B 403 15.31 6.38 20.04
N SER B 404 16.22 7.09 19.38
CA SER B 404 16.73 8.35 19.89
C SER B 404 17.36 9.12 18.73
N TYR B 405 17.55 10.42 18.94
CA TYR B 405 18.07 11.29 17.89
C TYR B 405 18.68 12.53 18.51
N THR B 406 19.46 13.25 17.70
CA THR B 406 20.04 14.52 18.10
C THR B 406 20.10 15.43 16.88
N VAL B 407 20.12 16.74 17.15
CA VAL B 407 20.12 17.75 16.11
C VAL B 407 21.15 18.82 16.47
N ASN B 408 21.84 19.35 15.45
CA ASN B 408 22.79 20.43 15.62
C ASN B 408 22.58 21.47 14.53
N VAL B 409 22.65 22.74 14.91
CA VAL B 409 22.47 23.85 13.97
C VAL B 409 23.52 24.91 14.22
N PRO B 410 23.83 25.70 13.20
CA PRO B 410 24.85 26.74 13.34
C PRO B 410 24.32 27.98 14.05
N LYS B 411 25.26 28.76 14.58
CA LYS B 411 24.91 30.05 15.16
C LYS B 411 24.80 31.11 14.06
N ALA B 412 23.81 31.99 14.20
CA ALA B 412 23.62 33.03 13.20
C ALA B 412 24.76 34.05 13.22
N SER B 413 25.52 34.10 14.32
CA SER B 413 26.60 35.07 14.43
C SER B 413 27.89 34.58 13.78
N GLN B 414 27.91 33.35 13.26
CA GLN B 414 29.10 32.80 12.63
C GLN B 414 28.81 32.22 11.25
N VAL B 415 27.73 32.65 10.60
CA VAL B 415 27.43 32.20 9.24
C VAL B 415 28.13 33.13 8.25
N ALA B 416 28.72 32.55 7.21
CA ALA B 416 29.40 33.34 6.21
C ALA B 416 28.40 34.24 5.49
N LEU B 417 28.85 35.44 5.11
CA LEU B 417 27.98 36.44 4.52
C LEU B 417 27.53 36.06 3.10
N ALA B 418 28.25 35.15 2.43
CA ALA B 418 27.78 34.69 1.13
C ALA B 418 26.44 33.98 1.26
N ASP B 419 26.28 33.17 2.30
CA ASP B 419 25.00 32.51 2.55
C ASP B 419 23.89 33.51 2.84
N LYS B 420 24.19 34.56 3.60
CA LYS B 420 23.15 35.55 3.91
C LYS B 420 22.66 36.27 2.66
N LYS B 421 23.55 36.49 1.69
CA LYS B 421 23.13 37.05 0.40
C LYS B 421 22.39 36.03 -0.44
N ALA B 422 22.81 34.77 -0.41
CA ALA B 422 22.11 33.72 -1.14
C ALA B 422 20.80 33.31 -0.49
N ARG B 423 20.58 33.69 0.77
CA ARG B 423 19.36 33.33 1.50
C ARG B 423 19.20 31.82 1.60
N ILE B 424 20.24 31.14 2.08
CA ILE B 424 20.23 29.69 2.26
C ILE B 424 20.91 29.36 3.57
N LEU B 425 20.44 28.28 4.21
CA LEU B 425 20.96 27.82 5.49
C LEU B 425 21.64 26.46 5.29
N LYS B 426 22.85 26.33 5.82
CA LYS B 426 23.66 25.12 5.68
C LYS B 426 24.08 24.62 7.06
N ASP B 427 24.83 23.52 7.05
CA ASP B 427 25.47 22.96 8.24
C ASP B 427 24.50 22.35 9.23
N VAL B 428 23.29 21.99 8.80
CA VAL B 428 22.34 21.32 9.67
C VAL B 428 22.57 19.81 9.58
N THR B 429 22.65 19.16 10.73
CA THR B 429 22.91 17.72 10.78
C THR B 429 22.09 17.10 11.89
N PHE B 430 21.90 15.79 11.81
CA PHE B 430 21.20 15.03 12.83
C PHE B 430 21.65 13.58 12.78
N ALA B 431 21.33 12.84 13.84
CA ALA B 431 21.69 11.43 13.94
C ALA B 431 20.52 10.66 14.54
N GLY B 432 20.48 9.36 14.27
CA GLY B 432 19.43 8.51 14.77
C GLY B 432 19.94 7.11 15.05
N ILE B 433 19.11 6.33 15.74
CA ILE B 433 19.44 4.96 16.12
C ILE B 433 18.23 4.09 15.82
N LEU B 434 18.48 2.88 15.32
CA LEU B 434 17.42 2.00 14.86
C LEU B 434 16.97 1.04 15.95
N ALA B 435 15.77 0.47 15.78
CA ALA B 435 15.16 -0.33 16.83
C ALA B 435 15.44 -1.82 16.64
N GLY B 436 14.99 -2.41 15.53
CA GLY B 436 15.20 -3.81 15.26
C GLY B 436 13.97 -4.66 15.51
N ALA B 437 14.10 -5.95 15.16
CA ALA B 437 13.01 -6.91 15.30
C ALA B 437 13.61 -8.31 15.44
N ILE B 438 12.72 -9.29 15.57
CA ILE B 438 13.09 -10.69 15.73
C ILE B 438 12.44 -11.50 14.63
N LEU B 439 13.21 -12.41 14.02
CA LEU B 439 12.69 -13.24 12.93
C LEU B 439 12.99 -14.73 13.09
N ASP B 440 13.94 -15.13 13.93
CA ASP B 440 14.26 -16.54 14.10
C ASP B 440 14.51 -16.81 15.58
N VAL B 441 14.48 -18.09 15.94
CA VAL B 441 14.64 -18.52 17.33
C VAL B 441 15.52 -19.75 17.36
N ASP B 442 16.42 -19.82 18.34
CA ASP B 442 17.23 -21.00 18.61
C ASP B 442 16.92 -21.51 20.01
N LEU B 443 16.84 -22.84 20.14
CA LEU B 443 16.26 -23.44 21.33
C LEU B 443 16.99 -24.74 21.67
N LYS B 444 17.15 -25.00 22.97
CA LYS B 444 17.74 -26.24 23.46
C LYS B 444 17.04 -26.65 24.74
N GLY B 445 17.00 -27.96 24.99
CA GLY B 445 16.34 -28.48 26.17
C GLY B 445 16.82 -29.88 26.50
N THR B 446 16.31 -30.40 27.61
CA THR B 446 16.65 -31.74 28.06
C THR B 446 15.46 -32.38 28.76
N VAL B 447 15.48 -33.71 28.81
CA VAL B 447 14.45 -34.50 29.49
C VAL B 447 15.15 -35.56 30.32
N ALA B 448 14.59 -35.85 31.49
CA ALA B 448 15.22 -36.81 32.39
C ALA B 448 14.21 -37.28 33.43
N TYR B 449 14.58 -38.35 34.12
CA TYR B 449 13.82 -38.86 35.26
C TYR B 449 14.10 -38.09 36.53
N GLU B 450 15.09 -37.20 36.54
CA GLU B 450 15.57 -36.56 37.75
C GLU B 450 15.49 -35.05 37.65
#